data_5UQN
#
_entry.id   5UQN
#
_cell.length_a   62.390
_cell.length_b   62.390
_cell.length_c   328.040
_cell.angle_alpha   90.00
_cell.angle_beta   90.00
_cell.angle_gamma   90.00
#
_symmetry.space_group_name_H-M   'P 41 21 2'
#
loop_
_entity.id
_entity.type
_entity.pdbx_description
1 polymer 'Toxin B'
2 non-polymer 'MANGANESE (II) ION'
3 non-polymer "URIDINE-5'-DIPHOSPHATE-2-DEOXY-2-FLUORO-ALPHA-D-GLUCOSE"
4 non-polymer 'SULFATE ION'
5 water water
#
_entity_poly.entity_id   1
_entity_poly.type   'polypeptide(L)'
_entity_poly.pdbx_seq_one_letter_code
;MGSSHHHHHHSSGLVPRGSHMSLVNRKQLEKMANVRFRTQEDEYVAILDALEEYHNMSENTVVEKYLKLKDINSLTDIYI
DTYKKSGRNKALKKFKEYLVTEVLELKNNNLTPVEKNLHFVWIGGQINDTAINYINQWKDVNSDYNVNVFYDSNAFLINT
LKKTVVESAINDTLESFRENLNDPRFDYNKFFRKRMEIIYDKQKNFINYYKAQREENPELIIDDIVKTYLSNEYSKEIDE
LNTYIEESLNKITQNSGNDVRNFEEFKNGESFNLYEQELVERWNLAAASDILRISALKEIGGMYLDVDMLPGIQPDLFES
IEKPSSVTVDFWEMTKLEAIMKYKEYIPEYTSEHFDMLDEEVQSSFESVLASKSDKSEIFSSLGDMEASPLEVKIAFNSK
GIINQGLISVKDSYCSNLIVKQIENRYKILNNSLNPAISEDNDFNTTTNTFIDSIMAEANADNGRFMMELGKYLRVGFFP
DVKTTINLSGPEAYAAAYQDLLMFKEGSMNIHLIEADLRNFEISKTNISQSTEQEMASLWSFDDARAKAQFEEYKRNYFE
GSL
;
_entity_poly.pdbx_strand_id   A
#
loop_
_chem_comp.id
_chem_comp.type
_chem_comp.name
_chem_comp.formula
MN non-polymer 'MANGANESE (II) ION' 'Mn 2'
SO4 non-polymer 'SULFATE ION' 'O4 S -2'
U2F non-polymer URIDINE-5'-DIPHOSPHATE-2-DEOXY-2-FLUORO-ALPHA-D-GLUCOSE 'C15 H23 F N2 O16 P2'
#
# COMPACT_ATOMS: atom_id res chain seq x y z
N SER A 22 1.04 11.12 -34.05
CA SER A 22 -0.28 10.59 -33.71
C SER A 22 -1.18 11.70 -33.15
N LEU A 23 -0.66 12.47 -32.20
CA LEU A 23 -1.35 13.67 -31.76
C LEU A 23 -1.36 14.69 -32.89
N VAL A 24 -2.50 15.37 -33.04
CA VAL A 24 -2.69 16.31 -34.14
C VAL A 24 -1.56 17.33 -34.13
N ASN A 25 -1.24 17.89 -35.29
CA ASN A 25 -0.21 18.90 -35.41
C ASN A 25 -0.85 20.28 -35.41
N ARG A 26 -0.05 21.32 -35.66
CA ARG A 26 -0.50 22.69 -35.49
C ARG A 26 -1.64 23.01 -36.45
N LYS A 27 -1.41 22.86 -37.75
CA LYS A 27 -2.44 23.20 -38.72
C LYS A 27 -3.68 22.33 -38.54
N GLN A 28 -3.48 21.04 -38.23
CA GLN A 28 -4.61 20.17 -37.93
C GLN A 28 -5.47 20.71 -36.81
N LEU A 29 -4.95 21.62 -35.99
CA LEU A 29 -5.70 22.20 -34.88
C LEU A 29 -6.24 23.58 -35.20
N GLU A 30 -5.50 24.39 -35.97
CA GLU A 30 -6.09 25.59 -36.54
C GLU A 30 -7.33 25.26 -37.35
N LYS A 31 -7.35 24.10 -38.00
CA LYS A 31 -8.56 23.65 -38.70
C LYS A 31 -9.69 23.39 -37.70
N MET A 32 -9.35 22.84 -36.53
CA MET A 32 -10.38 22.51 -35.55
CA MET A 32 -10.38 22.51 -35.55
C MET A 32 -10.92 23.76 -34.86
N ALA A 33 -10.13 24.84 -34.78
CA ALA A 33 -10.51 26.03 -34.03
C ALA A 33 -10.44 27.26 -34.94
N ASN A 34 -11.60 27.73 -35.39
CA ASN A 34 -11.72 29.01 -36.08
C ASN A 34 -13.15 29.19 -36.59
N VAL A 35 -13.46 30.43 -36.96
CA VAL A 35 -14.77 30.75 -37.52
C VAL A 35 -14.63 31.92 -38.50
N ARG A 36 -13.39 32.17 -38.90
CA ARG A 36 -13.07 33.25 -39.82
C ARG A 36 -13.28 34.60 -39.14
N PHE A 37 -14.46 34.81 -38.58
CA PHE A 37 -14.80 36.07 -37.96
C PHE A 37 -14.01 36.35 -36.69
N ARG A 38 -13.97 35.39 -35.77
CA ARG A 38 -13.20 35.52 -34.54
C ARG A 38 -11.69 35.55 -34.81
N THR A 39 -10.99 36.34 -34.00
CA THR A 39 -9.55 36.54 -34.07
C THR A 39 -8.73 35.45 -33.38
N GLN A 40 -7.42 35.50 -33.58
CA GLN A 40 -6.50 34.56 -32.94
C GLN A 40 -5.73 35.30 -31.87
N GLU A 41 -5.96 34.92 -30.62
CA GLU A 41 -5.45 35.63 -29.47
C GLU A 41 -4.12 35.04 -29.06
N ASP A 42 -3.41 35.80 -28.21
CA ASP A 42 -2.12 35.33 -27.73
C ASP A 42 -2.24 34.05 -26.92
N GLU A 43 -3.34 33.91 -26.16
CA GLU A 43 -3.58 32.69 -25.39
C GLU A 43 -3.82 31.49 -26.29
N TYR A 44 -4.25 31.71 -27.53
CA TYR A 44 -4.40 30.63 -28.50
C TYR A 44 -3.07 30.31 -29.18
N VAL A 45 -2.33 31.35 -29.56
CA VAL A 45 -1.02 31.17 -30.17
C VAL A 45 -0.08 30.44 -29.22
N ALA A 46 -0.19 30.68 -27.92
CA ALA A 46 0.64 29.94 -26.98
C ALA A 46 0.42 28.44 -27.13
N ILE A 47 -0.84 28.02 -27.22
CA ILE A 47 -1.15 26.62 -27.47
C ILE A 47 -0.50 26.15 -28.76
N LEU A 48 -0.75 26.89 -29.86
CA LEU A 48 -0.18 26.51 -31.15
C LEU A 48 1.32 26.28 -31.05
N ASP A 49 2.04 27.25 -30.49
CA ASP A 49 3.50 27.15 -30.39
C ASP A 49 3.91 25.95 -29.57
N ALA A 50 3.28 25.73 -28.41
CA ALA A 50 3.66 24.60 -27.58
C ALA A 50 3.42 23.27 -28.30
N LEU A 51 2.36 23.18 -29.09
CA LEU A 51 2.10 21.97 -29.87
C LEU A 51 3.20 21.74 -30.91
N GLU A 52 3.48 22.77 -31.71
CA GLU A 52 4.59 22.69 -32.66
C GLU A 52 5.86 22.20 -31.97
N GLU A 53 6.19 22.81 -30.82
CA GLU A 53 7.39 22.40 -30.10
C GLU A 53 7.32 20.94 -29.70
N TYR A 54 6.14 20.47 -29.24
CA TYR A 54 6.02 19.07 -28.86
C TYR A 54 6.35 18.16 -30.03
N HIS A 55 5.97 18.54 -31.25
CA HIS A 55 6.25 17.67 -32.38
C HIS A 55 7.69 17.79 -32.89
N ASN A 56 8.56 18.49 -32.17
CA ASN A 56 9.98 18.57 -32.51
C ASN A 56 10.83 18.25 -31.28
N MET A 57 10.53 17.13 -30.63
CA MET A 57 11.19 16.72 -29.40
C MET A 57 11.86 15.35 -29.55
N SER A 58 12.43 15.08 -30.74
CA SER A 58 13.14 13.83 -30.93
C SER A 58 14.39 13.72 -30.05
N GLU A 59 14.92 14.87 -29.61
N GLU A 59 14.94 14.84 -29.61
CA GLU A 59 16.10 14.92 -28.74
CA GLU A 59 16.11 14.82 -28.74
C GLU A 59 15.76 14.68 -27.27
C GLU A 59 15.76 14.62 -27.27
N ASN A 60 14.48 14.60 -26.92
CA ASN A 60 14.04 14.63 -25.53
C ASN A 60 13.57 13.26 -25.04
N THR A 61 13.50 13.14 -23.71
CA THR A 61 13.10 11.90 -23.04
C THR A 61 11.57 11.80 -22.94
N VAL A 62 11.12 10.64 -22.46
CA VAL A 62 9.68 10.42 -22.26
C VAL A 62 9.13 11.42 -21.25
N VAL A 63 9.81 11.56 -20.10
CA VAL A 63 9.32 12.46 -19.06
C VAL A 63 9.26 13.89 -19.58
N GLU A 64 10.25 14.30 -20.38
CA GLU A 64 10.22 15.64 -20.96
C GLU A 64 9.03 15.80 -21.89
N LYS A 65 8.74 14.78 -22.69
CA LYS A 65 7.56 14.84 -23.56
C LYS A 65 6.28 14.98 -22.74
N TYR A 66 6.17 14.21 -21.65
CA TYR A 66 5.00 14.35 -20.77
C TYR A 66 4.90 15.76 -20.23
N LEU A 67 6.02 16.30 -19.73
CA LEU A 67 6.00 17.66 -19.19
C LEU A 67 5.56 18.68 -20.23
N LYS A 68 5.92 18.44 -21.50
CA LYS A 68 5.46 19.34 -22.56
C LYS A 68 3.95 19.20 -22.77
N LEU A 69 3.43 17.97 -22.75
CA LEU A 69 1.98 17.81 -22.84
C LEU A 69 1.29 18.50 -21.67
N LYS A 70 1.90 18.47 -20.48
CA LYS A 70 1.35 19.16 -19.33
C LYS A 70 1.28 20.67 -19.59
N ASP A 71 2.38 21.24 -20.09
CA ASP A 71 2.35 22.66 -20.47
C ASP A 71 1.20 22.94 -21.44
N ILE A 72 1.09 22.12 -22.48
CA ILE A 72 0.04 22.32 -23.48
C ILE A 72 -1.34 22.34 -22.81
N ASN A 73 -1.61 21.33 -21.99
CA ASN A 73 -2.90 21.26 -21.32
C ASN A 73 -3.16 22.50 -20.48
N SER A 74 -2.16 22.93 -19.72
N SER A 74 -2.16 22.95 -19.72
CA SER A 74 -2.31 24.14 -18.90
CA SER A 74 -2.34 24.15 -18.90
C SER A 74 -2.72 25.33 -19.77
C SER A 74 -2.71 25.35 -19.76
N LEU A 75 -2.00 25.55 -20.87
CA LEU A 75 -2.32 26.66 -21.76
C LEU A 75 -3.76 26.55 -22.28
N THR A 76 -4.15 25.36 -22.72
CA THR A 76 -5.51 25.17 -23.24
C THR A 76 -6.55 25.53 -22.17
N ASP A 77 -6.36 25.02 -20.95
CA ASP A 77 -7.26 25.38 -19.86
C ASP A 77 -7.30 26.89 -19.67
N ILE A 78 -6.16 27.57 -19.78
CA ILE A 78 -6.16 29.03 -19.66
C ILE A 78 -7.07 29.64 -20.71
N TYR A 79 -6.93 29.22 -21.97
CA TYR A 79 -7.80 29.77 -23.00
C TYR A 79 -9.27 29.54 -22.66
N ILE A 80 -9.64 28.28 -22.39
CA ILE A 80 -11.04 27.96 -22.17
C ILE A 80 -11.60 28.78 -21.02
N ASP A 81 -10.81 28.97 -19.95
CA ASP A 81 -11.27 29.74 -18.82
C ASP A 81 -11.29 31.24 -19.09
N THR A 82 -10.57 31.70 -20.11
CA THR A 82 -10.55 33.13 -20.43
C THR A 82 -11.70 33.53 -21.35
N TYR A 83 -12.06 32.67 -22.31
CA TYR A 83 -13.13 32.94 -23.27
C TYR A 83 -14.18 31.84 -23.10
N LYS A 84 -15.06 32.06 -22.11
CA LYS A 84 -15.85 30.95 -21.57
C LYS A 84 -16.82 30.37 -22.60
N LYS A 85 -17.27 31.20 -23.55
CA LYS A 85 -18.23 30.75 -24.56
C LYS A 85 -17.67 30.70 -25.97
N SER A 86 -16.36 30.91 -26.11
CA SER A 86 -15.71 30.86 -27.42
C SER A 86 -16.16 29.66 -28.22
N GLY A 87 -16.32 29.86 -29.53
CA GLY A 87 -16.62 28.73 -30.41
C GLY A 87 -15.48 27.75 -30.53
N ARG A 88 -14.26 28.15 -30.18
CA ARG A 88 -13.14 27.21 -30.15
C ARG A 88 -13.32 26.14 -29.08
N ASN A 89 -13.98 26.48 -27.98
CA ASN A 89 -13.92 25.67 -26.76
C ASN A 89 -14.29 24.21 -27.00
N LYS A 90 -15.18 23.94 -27.96
CA LYS A 90 -15.51 22.55 -28.27
C LYS A 90 -14.30 21.83 -28.87
N ALA A 91 -13.71 22.43 -29.90
CA ALA A 91 -12.53 21.86 -30.53
C ALA A 91 -11.42 21.63 -29.51
N LEU A 92 -11.11 22.64 -28.71
CA LEU A 92 -10.06 22.51 -27.71
C LEU A 92 -10.41 21.47 -26.66
N LYS A 93 -11.69 21.34 -26.31
CA LYS A 93 -12.10 20.35 -25.34
C LYS A 93 -11.86 18.93 -25.87
N LYS A 94 -12.05 18.73 -27.18
CA LYS A 94 -11.67 17.45 -27.78
CA LYS A 94 -11.67 17.45 -27.77
C LYS A 94 -10.14 17.32 -27.81
N PHE A 95 -9.45 18.44 -28.04
CA PHE A 95 -7.99 18.46 -28.02
C PHE A 95 -7.46 17.89 -26.71
N LYS A 96 -8.09 18.24 -25.59
CA LYS A 96 -7.65 17.71 -24.30
C LYS A 96 -7.77 16.20 -24.24
N GLU A 97 -8.92 15.65 -24.67
CA GLU A 97 -9.05 14.20 -24.79
C GLU A 97 -7.88 13.63 -25.60
N TYR A 98 -7.56 14.27 -26.72
CA TYR A 98 -6.42 13.81 -27.52
C TYR A 98 -5.14 13.80 -26.70
N LEU A 99 -4.94 14.81 -25.85
CA LEU A 99 -3.74 14.84 -25.03
C LEU A 99 -3.67 13.63 -24.12
N VAL A 100 -4.77 13.32 -23.41
CA VAL A 100 -4.76 12.12 -22.58
C VAL A 100 -4.38 10.90 -23.41
N THR A 101 -5.05 10.71 -24.55
CA THR A 101 -4.73 9.57 -25.41
C THR A 101 -3.24 9.53 -25.72
N GLU A 102 -2.66 10.67 -26.10
CA GLU A 102 -1.24 10.72 -26.42
C GLU A 102 -0.38 10.33 -25.22
N VAL A 103 -0.79 10.70 -24.01
CA VAL A 103 -0.05 10.26 -22.83
C VAL A 103 -0.04 8.74 -22.76
N LEU A 104 -1.21 8.11 -22.97
CA LEU A 104 -1.25 6.66 -22.88
C LEU A 104 -0.39 6.01 -23.97
N GLU A 105 -0.40 6.56 -25.19
CA GLU A 105 0.52 6.08 -26.21
C GLU A 105 1.96 6.18 -25.73
N LEU A 106 2.34 7.36 -25.24
CA LEU A 106 3.69 7.58 -24.73
C LEU A 106 4.05 6.47 -23.73
N LYS A 107 3.16 6.23 -22.77
CA LYS A 107 3.40 5.21 -21.76
C LYS A 107 3.63 3.84 -22.39
N ASN A 108 2.79 3.47 -23.36
CA ASN A 108 2.78 2.09 -23.82
C ASN A 108 3.87 1.79 -24.85
N ASN A 109 4.31 2.77 -25.62
CA ASN A 109 5.19 2.51 -26.75
C ASN A 109 6.67 2.70 -26.44
N ASN A 110 7.02 3.25 -25.28
CA ASN A 110 8.41 3.52 -24.92
C ASN A 110 8.67 2.90 -23.55
N LEU A 111 9.17 1.66 -23.55
CA LEU A 111 9.45 0.95 -22.31
C LEU A 111 10.96 0.75 -22.14
N THR A 112 11.38 0.64 -20.89
CA THR A 112 12.77 0.44 -20.54
C THR A 112 12.87 -0.67 -19.51
N PRO A 113 14.04 -1.32 -19.39
CA PRO A 113 14.13 -2.49 -18.53
C PRO A 113 13.92 -2.15 -17.06
N VAL A 114 13.16 -3.00 -16.38
CA VAL A 114 12.97 -2.89 -14.93
C VAL A 114 14.19 -3.49 -14.24
N GLU A 115 14.75 -2.74 -13.29
CA GLU A 115 15.81 -3.28 -12.46
C GLU A 115 15.37 -4.61 -11.85
N LYS A 116 16.29 -5.57 -11.79
CA LYS A 116 15.97 -6.90 -11.32
C LYS A 116 16.18 -6.99 -9.80
N ASN A 117 15.29 -6.31 -9.08
CA ASN A 117 15.25 -6.39 -7.63
C ASN A 117 13.85 -6.79 -7.17
N LEU A 118 13.79 -7.71 -6.23
CA LEU A 118 12.57 -8.00 -5.49
C LEU A 118 12.71 -7.40 -4.10
N HIS A 119 11.83 -6.46 -3.77
CA HIS A 119 11.85 -5.80 -2.47
C HIS A 119 10.73 -6.37 -1.60
N PHE A 120 11.10 -6.96 -0.47
CA PHE A 120 10.16 -7.30 0.59
C PHE A 120 10.44 -6.40 1.80
N VAL A 121 9.46 -6.34 2.71
CA VAL A 121 9.58 -5.58 3.94
C VAL A 121 9.09 -6.45 5.09
N TRP A 122 9.88 -6.51 6.16
CA TRP A 122 9.40 -6.99 7.44
C TRP A 122 10.05 -6.15 8.54
N ILE A 123 9.24 -5.36 9.22
CA ILE A 123 9.72 -4.43 10.25
CA ILE A 123 9.71 -4.44 10.25
C ILE A 123 8.90 -4.64 11.51
N GLY A 124 9.50 -4.28 12.65
CA GLY A 124 8.82 -4.29 13.93
C GLY A 124 9.16 -5.46 14.84
N GLY A 125 9.61 -6.57 14.29
CA GLY A 125 9.90 -7.74 15.09
C GLY A 125 10.58 -8.81 14.26
N GLN A 126 10.84 -9.94 14.92
CA GLN A 126 11.48 -11.04 14.21
C GLN A 126 10.61 -11.51 13.05
N ILE A 127 11.26 -11.90 11.98
CA ILE A 127 10.58 -12.38 10.78
C ILE A 127 10.26 -13.86 10.95
N ASN A 128 9.10 -14.26 10.46
CA ASN A 128 8.57 -15.60 10.70
C ASN A 128 9.00 -16.57 9.61
N ASP A 129 9.06 -17.86 9.98
CA ASP A 129 9.44 -18.89 9.00
C ASP A 129 8.48 -18.94 7.83
N THR A 130 7.22 -18.59 8.03
CA THR A 130 6.26 -18.64 6.92
C THR A 130 6.60 -17.58 5.88
N ALA A 131 6.92 -16.36 6.32
CA ALA A 131 7.39 -15.33 5.40
C ALA A 131 8.61 -15.80 4.62
N ILE A 132 9.62 -16.31 5.33
CA ILE A 132 10.83 -16.80 4.67
C ILE A 132 10.46 -17.85 3.62
N ASN A 133 9.56 -18.77 3.97
CA ASN A 133 9.22 -19.84 3.04
C ASN A 133 8.53 -19.29 1.80
N TYR A 134 7.67 -18.29 1.96
CA TYR A 134 7.09 -17.65 0.78
C TYR A 134 8.17 -17.00 -0.08
N ILE A 135 9.07 -16.23 0.55
CA ILE A 135 10.12 -15.52 -0.17
C ILE A 135 11.00 -16.50 -0.95
N ASN A 136 11.30 -17.65 -0.35
CA ASN A 136 12.22 -18.61 -0.95
C ASN A 136 11.70 -19.19 -2.25
N GLN A 137 10.39 -19.16 -2.48
CA GLN A 137 9.85 -19.62 -3.76
C GLN A 137 10.23 -18.64 -4.87
N TRP A 138 9.99 -17.35 -4.62
CA TRP A 138 10.48 -16.31 -5.52
C TRP A 138 11.96 -16.49 -5.79
N LYS A 139 12.75 -16.68 -4.73
CA LYS A 139 14.19 -16.93 -4.94
C LYS A 139 14.40 -18.11 -5.88
N ASP A 140 13.71 -19.22 -5.60
CA ASP A 140 13.96 -20.46 -6.34
C ASP A 140 13.70 -20.28 -7.83
N VAL A 141 12.73 -19.45 -8.21
CA VAL A 141 12.37 -19.33 -9.63
C VAL A 141 12.85 -18.03 -10.26
N ASN A 142 13.52 -17.15 -9.50
CA ASN A 142 14.12 -15.94 -10.06
C ASN A 142 15.56 -15.77 -9.59
N SER A 143 16.42 -16.72 -9.98
CA SER A 143 17.82 -16.69 -9.54
C SER A 143 18.56 -15.47 -10.07
N ASP A 144 18.08 -14.85 -11.15
CA ASP A 144 18.73 -13.67 -11.70
C ASP A 144 18.34 -12.39 -10.98
N TYR A 145 17.51 -12.47 -9.93
CA TYR A 145 17.03 -11.29 -9.22
C TYR A 145 17.75 -11.14 -7.89
N ASN A 146 18.17 -9.92 -7.59
CA ASN A 146 18.62 -9.57 -6.26
C ASN A 146 17.42 -9.36 -5.35
N VAL A 147 17.49 -9.94 -4.15
CA VAL A 147 16.37 -9.94 -3.22
C VAL A 147 16.75 -9.15 -1.98
N ASN A 148 15.91 -8.17 -1.62
CA ASN A 148 16.06 -7.40 -0.40
C ASN A 148 14.89 -7.70 0.53
N VAL A 149 15.18 -7.86 1.82
CA VAL A 149 14.15 -7.91 2.85
C VAL A 149 14.45 -6.79 3.83
N PHE A 150 13.75 -5.67 3.69
CA PHE A 150 14.04 -4.49 4.49
C PHE A 150 13.59 -4.71 5.93
N TYR A 151 14.50 -4.41 6.86
CA TYR A 151 14.21 -4.44 8.28
C TYR A 151 14.78 -3.18 8.92
N ASP A 152 14.33 -2.89 10.13
CA ASP A 152 14.78 -1.72 10.88
C ASP A 152 15.53 -2.22 12.10
N SER A 153 16.87 -2.17 12.04
CA SER A 153 17.70 -2.67 13.13
C SER A 153 17.50 -1.90 14.42
N ASN A 154 16.83 -0.75 14.38
CA ASN A 154 16.54 0.02 15.58
C ASN A 154 15.20 -0.34 16.22
N ALA A 155 14.36 -1.14 15.56
CA ALA A 155 12.96 -1.26 15.95
C ALA A 155 12.49 -2.72 15.88
N PHE A 156 13.24 -3.62 16.52
CA PHE A 156 12.83 -5.01 16.59
C PHE A 156 11.76 -5.27 17.65
N LEU A 157 11.45 -4.28 18.50
CA LEU A 157 10.62 -4.53 19.66
C LEU A 157 9.22 -3.91 19.57
N ILE A 158 8.86 -3.32 18.43
CA ILE A 158 7.57 -2.64 18.32
C ILE A 158 6.44 -3.65 18.46
N ASN A 159 6.54 -4.79 17.76
CA ASN A 159 5.46 -5.78 17.85
C ASN A 159 5.32 -6.30 19.28
N THR A 160 6.44 -6.51 19.97
CA THR A 160 6.39 -6.91 21.37
C THR A 160 5.71 -5.84 22.21
N LEU A 161 6.00 -4.57 21.95
CA LEU A 161 5.37 -3.49 22.71
C LEU A 161 3.86 -3.50 22.48
N LYS A 162 3.43 -3.51 21.22
CA LYS A 162 2.01 -3.49 20.92
C LYS A 162 1.30 -4.68 21.55
N LYS A 163 1.88 -5.87 21.43
CA LYS A 163 1.26 -7.06 21.99
C LYS A 163 1.15 -6.97 23.51
N THR A 164 2.23 -6.55 24.17
CA THR A 164 2.19 -6.37 25.62
C THR A 164 1.07 -5.41 26.02
N VAL A 165 1.02 -4.23 25.39
CA VAL A 165 0.02 -3.24 25.73
C VAL A 165 -1.38 -3.79 25.51
N VAL A 166 -1.63 -4.36 24.33
CA VAL A 166 -2.97 -4.78 23.98
C VAL A 166 -3.44 -5.94 24.85
N GLU A 167 -2.52 -6.82 25.24
CA GLU A 167 -2.90 -7.91 26.13
C GLU A 167 -3.21 -7.39 27.53
N SER A 168 -2.39 -6.48 28.05
CA SER A 168 -2.73 -5.80 29.30
C SER A 168 -4.12 -5.18 29.21
N ALA A 169 -4.44 -4.55 28.07
CA ALA A 169 -5.74 -3.90 27.91
C ALA A 169 -6.86 -4.92 27.91
N ILE A 170 -6.69 -6.03 27.20
CA ILE A 170 -7.68 -7.12 27.26
C ILE A 170 -7.94 -7.49 28.70
N ASN A 171 -6.88 -7.68 29.48
CA ASN A 171 -7.03 -8.14 30.85
C ASN A 171 -7.77 -7.12 31.70
N ASP A 172 -7.36 -5.84 31.63
CA ASP A 172 -8.04 -4.82 32.42
C ASP A 172 -9.50 -4.69 32.05
N THR A 173 -9.82 -4.79 30.76
CA THR A 173 -11.21 -4.74 30.32
C THR A 173 -12.01 -5.88 30.96
N LEU A 174 -11.56 -7.13 30.76
CA LEU A 174 -12.31 -8.26 31.27
C LEU A 174 -12.44 -8.21 32.79
N GLU A 175 -11.36 -7.83 33.48
CA GLU A 175 -11.45 -7.63 34.93
C GLU A 175 -12.53 -6.61 35.27
N SER A 176 -12.60 -5.51 34.52
CA SER A 176 -13.68 -4.55 34.71
C SER A 176 -15.05 -5.19 34.47
N PHE A 177 -15.12 -6.29 33.72
CA PHE A 177 -16.39 -6.97 33.44
C PHE A 177 -16.42 -8.40 33.98
N ARG A 178 -15.71 -8.68 35.07
CA ARG A 178 -15.47 -10.07 35.45
C ARG A 178 -16.69 -10.75 36.09
N GLU A 179 -17.85 -10.09 36.15
CA GLU A 179 -19.08 -10.76 36.57
C GLU A 179 -20.20 -10.62 35.56
N ASN A 180 -19.95 -10.00 34.40
CA ASN A 180 -20.93 -9.87 33.33
C ASN A 180 -20.55 -10.73 32.12
N LEU A 181 -19.68 -11.72 32.31
CA LEU A 181 -19.16 -12.46 31.16
C LEU A 181 -20.26 -13.25 30.48
N ASN A 182 -21.20 -13.79 31.25
CA ASN A 182 -22.34 -14.49 30.67
C ASN A 182 -23.48 -13.56 30.32
N ASP A 183 -23.37 -12.27 30.64
CA ASP A 183 -24.37 -11.28 30.27
C ASP A 183 -24.36 -11.07 28.77
N PRO A 184 -25.43 -11.40 28.03
CA PRO A 184 -25.42 -11.19 26.58
C PRO A 184 -25.37 -9.72 26.17
N ARG A 185 -25.40 -8.78 27.13
CA ARG A 185 -25.18 -7.38 26.80
C ARG A 185 -23.71 -7.02 26.68
N PHE A 186 -22.81 -7.88 27.20
CA PHE A 186 -21.37 -7.67 27.04
C PHE A 186 -20.97 -8.19 25.66
N ASP A 187 -21.34 -7.45 24.63
CA ASP A 187 -21.03 -7.88 23.28
C ASP A 187 -19.58 -7.63 22.93
N TYR A 188 -19.09 -8.39 21.97
CA TYR A 188 -17.73 -8.20 21.48
C TYR A 188 -17.51 -6.74 21.09
N ASN A 189 -18.55 -6.13 20.52
CA ASN A 189 -18.51 -4.69 20.22
C ASN A 189 -18.17 -3.88 21.46
N LYS A 190 -18.97 -4.04 22.53
CA LYS A 190 -18.73 -3.30 23.77
C LYS A 190 -17.33 -3.57 24.30
N PHE A 191 -16.90 -4.83 24.26
CA PHE A 191 -15.56 -5.19 24.70
C PHE A 191 -14.50 -4.36 23.96
N PHE A 192 -14.62 -4.28 22.65
CA PHE A 192 -13.59 -3.56 21.89
C PHE A 192 -13.66 -2.06 22.07
N ARG A 193 -14.85 -1.51 22.36
CA ARG A 193 -14.93 -0.09 22.68
C ARG A 193 -14.18 0.22 23.98
N LYS A 194 -14.54 -0.47 25.07
CA LYS A 194 -13.86 -0.24 26.35
C LYS A 194 -12.36 -0.48 26.21
N ARG A 195 -11.98 -1.63 25.64
CA ARG A 195 -10.56 -1.90 25.43
C ARG A 195 -9.90 -0.78 24.67
N MET A 196 -10.58 -0.20 23.67
CA MET A 196 -9.98 0.89 22.92
C MET A 196 -9.67 2.07 23.84
N GLU A 197 -10.59 2.39 24.75
CA GLU A 197 -10.27 3.42 25.73
C GLU A 197 -8.94 3.11 26.44
N ILE A 198 -8.83 1.91 27.00
CA ILE A 198 -7.63 1.59 27.77
C ILE A 198 -6.38 1.64 26.88
N ILE A 199 -6.46 1.10 25.66
CA ILE A 199 -5.33 1.11 24.75
C ILE A 199 -4.89 2.54 24.49
N TYR A 200 -5.84 3.45 24.28
CA TYR A 200 -5.46 4.83 24.04
C TYR A 200 -4.64 5.36 25.21
N ASP A 201 -5.12 5.13 26.45
CA ASP A 201 -4.39 5.66 27.59
C ASP A 201 -2.97 5.10 27.65
N LYS A 202 -2.81 3.77 27.57
CA LYS A 202 -1.47 3.19 27.64
C LYS A 202 -0.58 3.68 26.51
N GLN A 203 -1.15 3.78 25.30
CA GLN A 203 -0.38 4.18 24.12
C GLN A 203 0.12 5.61 24.24
N LYS A 204 -0.74 6.51 24.75
CA LYS A 204 -0.28 7.88 24.97
C LYS A 204 0.79 7.92 26.06
N ASN A 205 0.64 7.11 27.11
CA ASN A 205 1.70 7.04 28.11
C ASN A 205 3.03 6.73 27.44
N PHE A 206 3.07 5.67 26.62
CA PHE A 206 4.31 5.33 25.94
C PHE A 206 4.80 6.50 25.08
N ILE A 207 3.92 7.04 24.23
CA ILE A 207 4.36 8.09 23.30
C ILE A 207 4.99 9.25 24.06
N ASN A 208 4.39 9.65 25.18
CA ASN A 208 4.94 10.75 25.97
C ASN A 208 6.32 10.38 26.51
N TYR A 209 6.45 9.19 27.11
CA TYR A 209 7.78 8.75 27.53
C TYR A 209 8.78 8.84 26.39
N TYR A 210 8.38 8.36 25.21
CA TYR A 210 9.26 8.36 24.04
C TYR A 210 9.74 9.77 23.71
N LYS A 211 8.80 10.72 23.61
CA LYS A 211 9.19 12.08 23.26
C LYS A 211 10.13 12.68 24.31
N ALA A 212 9.85 12.44 25.59
CA ALA A 212 10.73 12.95 26.63
C ALA A 212 12.15 12.40 26.47
N GLN A 213 12.27 11.07 26.43
CA GLN A 213 13.59 10.47 26.29
C GLN A 213 14.29 10.97 25.04
N ARG A 214 13.56 11.07 23.93
CA ARG A 214 14.13 11.59 22.68
C ARG A 214 14.43 13.09 22.77
N GLU A 215 13.97 13.76 23.82
CA GLU A 215 14.36 15.14 24.06
C GLU A 215 15.67 15.22 24.84
N GLU A 216 15.76 14.55 25.98
CA GLU A 216 16.99 14.63 26.76
C GLU A 216 18.12 13.79 26.17
N ASN A 217 17.86 13.05 25.08
CA ASN A 217 18.89 12.29 24.38
C ASN A 217 18.42 12.00 22.96
N PRO A 218 18.68 12.91 22.01
CA PRO A 218 18.02 12.80 20.70
C PRO A 218 18.47 11.63 19.83
N GLU A 219 19.54 10.91 20.19
CA GLU A 219 20.01 9.80 19.37
C GLU A 219 19.75 8.42 19.99
N LEU A 220 19.11 8.36 21.15
CA LEU A 220 18.60 7.09 21.65
C LEU A 220 17.83 6.39 20.54
N ILE A 221 18.09 5.10 20.35
CA ILE A 221 17.40 4.36 19.31
C ILE A 221 16.09 3.82 19.88
N ILE A 222 15.18 3.47 18.97
CA ILE A 222 13.82 3.11 19.36
C ILE A 222 13.83 1.95 20.34
N ASP A 223 14.66 0.93 20.07
CA ASP A 223 14.60 -0.28 20.88
C ASP A 223 15.12 -0.05 22.30
N ASP A 224 16.06 0.87 22.49
CA ASP A 224 16.48 1.22 23.84
C ASP A 224 15.32 1.76 24.65
N ILE A 225 14.65 2.80 24.13
CA ILE A 225 13.53 3.41 24.82
C ILE A 225 12.43 2.38 25.05
N VAL A 226 12.15 1.55 24.05
CA VAL A 226 11.10 0.54 24.19
C VAL A 226 11.44 -0.43 25.31
N LYS A 227 12.67 -0.95 25.32
CA LYS A 227 12.99 -1.99 26.30
C LYS A 227 13.05 -1.44 27.72
N THR A 228 13.54 -0.21 27.89
CA THR A 228 13.48 0.37 29.23
C THR A 228 12.04 0.68 29.65
N TYR A 229 11.19 1.07 28.70
CA TYR A 229 9.77 1.23 29.00
C TYR A 229 9.17 -0.07 29.48
N LEU A 230 9.33 -1.14 28.70
CA LEU A 230 8.77 -2.43 29.06
C LEU A 230 9.28 -2.89 30.42
N SER A 231 10.55 -2.64 30.71
CA SER A 231 11.08 -2.99 32.02
C SER A 231 10.39 -2.20 33.12
N ASN A 232 10.33 -0.88 32.97
CA ASN A 232 9.76 -0.06 34.03
C ASN A 232 8.31 -0.41 34.30
N GLU A 233 7.52 -0.59 33.24
CA GLU A 233 6.07 -0.58 33.37
C GLU A 233 5.40 -1.95 33.24
N TYR A 234 6.10 -2.95 32.70
CA TYR A 234 5.50 -4.27 32.52
C TYR A 234 6.43 -5.40 32.96
N SER A 235 7.45 -5.09 33.78
CA SER A 235 8.30 -6.09 34.41
C SER A 235 8.83 -7.11 33.41
N LYS A 236 9.42 -6.60 32.34
CA LYS A 236 10.14 -7.45 31.39
C LYS A 236 11.63 -7.36 31.67
N GLU A 237 12.33 -8.47 31.41
CA GLU A 237 13.76 -8.57 31.66
C GLU A 237 14.52 -8.07 30.43
N ILE A 238 15.28 -6.99 30.61
CA ILE A 238 16.08 -6.43 29.52
C ILE A 238 16.93 -7.51 28.86
N ASP A 239 17.52 -8.39 29.67
CA ASP A 239 18.39 -9.43 29.12
C ASP A 239 17.64 -10.26 28.07
N GLU A 240 16.41 -10.66 28.37
CA GLU A 240 15.63 -11.46 27.43
C GLU A 240 15.34 -10.68 26.15
N LEU A 241 14.94 -9.41 26.28
CA LEU A 241 14.68 -8.60 25.10
C LEU A 241 15.93 -8.44 24.26
N ASN A 242 17.09 -8.31 24.90
CA ASN A 242 18.35 -8.20 24.16
C ASN A 242 18.65 -9.49 23.41
N THR A 243 18.47 -10.64 24.06
CA THR A 243 18.61 -11.91 23.33
C THR A 243 17.68 -11.95 22.13
N TYR A 244 16.42 -11.54 22.31
CA TYR A 244 15.47 -11.52 21.21
C TYR A 244 16.00 -10.67 20.06
N ILE A 245 16.50 -9.47 20.37
CA ILE A 245 17.05 -8.59 19.34
C ILE A 245 18.19 -9.31 18.62
N GLU A 246 19.14 -9.87 19.36
CA GLU A 246 20.22 -10.65 18.77
C GLU A 246 19.68 -11.66 17.77
N GLU A 247 18.74 -12.49 18.20
CA GLU A 247 18.25 -13.58 17.35
C GLU A 247 17.55 -13.05 16.11
N SER A 248 16.82 -11.95 16.24
CA SER A 248 16.15 -11.37 15.09
C SER A 248 17.15 -10.84 14.08
N LEU A 249 18.12 -10.05 14.54
CA LEU A 249 19.18 -9.57 13.65
C LEU A 249 19.87 -10.73 12.95
N ASN A 250 20.23 -11.76 13.71
CA ASN A 250 20.90 -12.91 13.13
C ASN A 250 20.04 -13.55 12.06
N LYS A 251 18.74 -13.73 12.34
CA LYS A 251 17.87 -14.41 11.39
C LYS A 251 17.75 -13.62 10.10
N ILE A 252 17.47 -12.32 10.20
CA ILE A 252 17.25 -11.56 8.97
C ILE A 252 18.54 -11.38 8.20
N THR A 253 19.68 -11.32 8.89
CA THR A 253 20.96 -11.27 8.18
C THR A 253 21.17 -12.53 7.35
N GLN A 254 20.66 -13.66 7.81
CA GLN A 254 20.78 -14.91 7.07
C GLN A 254 19.70 -15.06 6.01
N ASN A 255 18.87 -14.05 5.80
CA ASN A 255 17.81 -14.09 4.80
C ASN A 255 17.68 -12.74 4.08
N SER A 256 18.80 -12.27 3.51
CA SER A 256 18.81 -11.18 2.55
C SER A 256 18.38 -9.84 3.16
N GLY A 257 18.65 -9.62 4.45
CA GLY A 257 18.18 -8.41 5.10
C GLY A 257 18.81 -7.16 4.53
N ASN A 258 18.09 -6.03 4.50
CA ASN A 258 18.65 -4.68 4.16
CA ASN A 258 18.72 -4.76 4.17
C ASN A 258 18.16 -3.74 5.25
N ASP A 259 19.09 -3.14 5.95
CA ASP A 259 18.78 -2.28 7.08
C ASP A 259 18.27 -0.93 6.60
N VAL A 260 17.05 -0.59 7.00
CA VAL A 260 16.47 0.72 6.72
C VAL A 260 17.40 1.83 7.20
N ARG A 261 18.14 1.58 8.28
CA ARG A 261 18.99 2.61 8.85
C ARG A 261 20.21 2.93 8.00
N ASN A 262 20.41 2.22 6.89
CA ASN A 262 21.44 2.55 5.91
C ASN A 262 20.84 3.04 4.59
N PHE A 263 19.52 3.06 4.47
CA PHE A 263 18.83 3.55 3.27
C PHE A 263 18.78 5.07 3.37
N GLU A 264 19.91 5.70 3.01
CA GLU A 264 20.17 7.09 3.41
C GLU A 264 19.16 8.06 2.82
N GLU A 265 18.83 7.91 1.53
CA GLU A 265 17.88 8.84 0.91
C GLU A 265 16.53 8.79 1.61
N PHE A 266 16.09 7.59 2.00
CA PHE A 266 14.83 7.47 2.72
C PHE A 266 14.91 8.15 4.08
N LYS A 267 15.97 7.86 4.84
CA LYS A 267 16.15 8.47 6.15
C LYS A 267 16.14 9.99 6.07
N ASN A 268 16.78 10.56 5.04
CA ASN A 268 16.96 11.99 4.93
C ASN A 268 15.76 12.70 4.30
N GLY A 269 14.71 11.97 3.92
CA GLY A 269 13.62 12.56 3.18
C GLY A 269 12.46 13.02 4.05
N GLU A 270 11.55 13.73 3.39
CA GLU A 270 10.35 14.24 4.05
C GLU A 270 9.51 13.12 4.65
N SER A 271 9.50 11.96 4.00
CA SER A 271 8.59 10.89 4.39
CA SER A 271 8.66 10.81 4.41
C SER A 271 9.06 10.09 5.61
N PHE A 272 10.32 10.25 6.05
CA PHE A 272 10.80 9.44 7.15
C PHE A 272 10.04 9.72 8.44
N ASN A 273 9.65 10.98 8.65
CA ASN A 273 8.85 11.33 9.83
C ASN A 273 7.52 10.59 9.83
N LEU A 274 6.96 10.34 8.65
CA LEU A 274 5.70 9.60 8.58
C LEU A 274 5.93 8.12 8.88
N TYR A 275 6.98 7.55 8.28
CA TYR A 275 7.39 6.19 8.60
C TYR A 275 7.54 5.99 10.11
N GLU A 276 8.21 6.93 10.78
CA GLU A 276 8.42 6.77 12.21
C GLU A 276 7.16 7.09 13.02
N GLN A 277 6.30 7.97 12.49
CA GLN A 277 4.99 8.19 13.12
C GLN A 277 4.20 6.89 13.16
N GLU A 278 4.18 6.14 12.05
CA GLU A 278 3.44 4.88 12.03
C GLU A 278 4.15 3.81 12.85
N LEU A 279 5.49 3.79 12.79
CA LEU A 279 6.25 2.72 13.45
C LEU A 279 6.18 2.85 14.96
N VAL A 280 6.46 4.04 15.49
CA VAL A 280 6.73 4.22 16.92
C VAL A 280 5.48 4.66 17.68
N GLU A 281 4.64 5.49 17.07
CA GLU A 281 3.47 6.03 17.77
C GLU A 281 2.22 5.19 17.55
N ARG A 282 1.91 4.83 16.31
CA ARG A 282 0.68 4.12 15.99
C ARG A 282 0.85 2.61 15.93
N TRP A 283 2.09 2.12 15.88
CA TRP A 283 2.34 0.67 15.89
C TRP A 283 1.64 0.00 14.71
N ASN A 284 1.68 0.64 13.55
CA ASN A 284 1.06 0.14 12.33
C ASN A 284 2.19 -0.17 11.35
N LEU A 285 2.64 -1.43 11.36
CA LEU A 285 3.76 -1.82 10.53
C LEU A 285 3.37 -1.88 9.06
N ALA A 286 2.08 -2.10 8.77
CA ALA A 286 1.63 -2.10 7.39
C ALA A 286 1.73 -0.70 6.79
N ALA A 287 1.35 0.32 7.56
CA ALA A 287 1.47 1.70 7.06
C ALA A 287 2.93 2.10 6.89
N ALA A 288 3.78 1.76 7.86
CA ALA A 288 5.21 2.02 7.71
C ALA A 288 5.76 1.34 6.47
N SER A 289 5.36 0.09 6.22
CA SER A 289 5.78 -0.61 5.01
CA SER A 289 5.78 -0.61 5.02
C SER A 289 5.24 0.09 3.77
N ASP A 290 4.02 0.63 3.85
CA ASP A 290 3.47 1.41 2.75
C ASP A 290 4.41 2.56 2.41
N ILE A 291 4.90 3.26 3.43
CA ILE A 291 5.71 4.44 3.19
C ILE A 291 7.10 4.05 2.70
N LEU A 292 7.61 2.91 3.16
CA LEU A 292 8.95 2.48 2.76
C LEU A 292 8.96 1.94 1.33
N ARG A 293 7.93 1.16 0.96
CA ARG A 293 7.99 0.46 -0.33
C ARG A 293 8.09 1.44 -1.50
N ILE A 294 7.33 2.53 -1.46
CA ILE A 294 7.33 3.44 -2.59
C ILE A 294 8.66 4.17 -2.69
N SER A 295 9.31 4.43 -1.55
CA SER A 295 10.65 5.02 -1.60
C SER A 295 11.66 4.02 -2.14
N ALA A 296 11.53 2.74 -1.78
CA ALA A 296 12.40 1.73 -2.36
C ALA A 296 12.28 1.71 -3.88
N LEU A 297 11.06 1.80 -4.40
CA LEU A 297 10.87 1.84 -5.85
C LEU A 297 11.41 3.14 -6.44
N LYS A 298 11.19 4.28 -5.78
N LYS A 298 11.20 4.25 -5.72
CA LYS A 298 11.68 5.52 -6.35
CA LYS A 298 11.63 5.58 -6.17
C LYS A 298 13.20 5.54 -6.41
C LYS A 298 13.15 5.65 -6.32
N GLU A 299 13.88 5.06 -5.36
CA GLU A 299 15.32 5.19 -5.28
C GLU A 299 16.10 4.04 -5.92
N ILE A 300 15.48 2.87 -6.10
CA ILE A 300 16.25 1.69 -6.50
C ILE A 300 15.66 1.07 -7.76
N GLY A 301 14.34 1.03 -7.86
CA GLY A 301 13.70 0.35 -8.96
C GLY A 301 13.57 -1.15 -8.71
N GLY A 302 12.60 -1.74 -9.39
CA GLY A 302 12.33 -3.17 -9.26
C GLY A 302 10.87 -3.50 -9.02
N MET A 303 10.65 -4.58 -8.26
CA MET A 303 9.30 -5.07 -7.96
C MET A 303 9.16 -5.25 -6.46
N TYR A 304 8.14 -4.61 -5.87
CA TYR A 304 7.81 -4.81 -4.48
C TYR A 304 6.76 -5.90 -4.34
N LEU A 305 6.90 -6.71 -3.29
CA LEU A 305 5.99 -7.80 -2.97
C LEU A 305 5.77 -7.87 -1.47
N ASP A 306 4.50 -7.94 -1.05
CA ASP A 306 4.21 -8.34 0.32
C ASP A 306 4.68 -9.78 0.54
N VAL A 307 5.03 -10.09 1.78
CA VAL A 307 5.61 -11.40 2.08
C VAL A 307 4.60 -12.53 2.01
N ASP A 308 3.30 -12.24 1.86
CA ASP A 308 2.28 -13.28 1.72
C ASP A 308 1.87 -13.50 0.27
N MET A 309 2.67 -13.02 -0.68
CA MET A 309 2.48 -13.25 -2.10
C MET A 309 3.38 -14.37 -2.57
N LEU A 310 2.98 -15.03 -3.65
CA LEU A 310 3.71 -16.13 -4.24
C LEU A 310 3.85 -15.94 -5.73
N PRO A 311 4.83 -16.61 -6.36
CA PRO A 311 5.02 -16.46 -7.80
C PRO A 311 3.79 -16.89 -8.58
N GLY A 312 3.71 -16.42 -9.82
CA GLY A 312 2.61 -16.82 -10.69
C GLY A 312 2.71 -18.28 -11.10
N ILE A 313 1.54 -18.85 -11.38
CA ILE A 313 1.44 -20.25 -11.82
C ILE A 313 1.57 -20.28 -13.33
N GLN A 314 2.33 -21.25 -13.83
CA GLN A 314 2.49 -21.39 -15.27
C GLN A 314 1.12 -21.39 -15.95
N PRO A 315 0.88 -20.52 -16.93
CA PRO A 315 -0.49 -20.34 -17.43
C PRO A 315 -1.10 -21.59 -18.04
N ASP A 316 -0.28 -22.50 -18.58
CA ASP A 316 -0.80 -23.69 -19.23
C ASP A 316 -0.94 -24.88 -18.29
N LEU A 317 -0.49 -24.76 -17.05
CA LEU A 317 -0.45 -25.90 -16.13
C LEU A 317 -1.80 -26.61 -16.03
N PHE A 318 -2.82 -25.93 -15.50
CA PHE A 318 -4.13 -26.52 -15.28
C PHE A 318 -5.10 -26.21 -16.41
N GLU A 319 -4.60 -25.86 -17.59
CA GLU A 319 -5.45 -25.62 -18.75
C GLU A 319 -6.40 -26.79 -19.02
N SER A 320 -6.07 -27.99 -18.56
CA SER A 320 -6.90 -29.17 -18.81
C SER A 320 -8.03 -29.35 -17.79
N ILE A 321 -8.01 -28.61 -16.68
CA ILE A 321 -8.99 -28.81 -15.61
C ILE A 321 -10.00 -27.66 -15.69
N GLU A 322 -11.23 -28.00 -16.08
CA GLU A 322 -12.30 -27.02 -16.15
C GLU A 322 -12.75 -26.63 -14.75
N LYS A 323 -13.09 -25.36 -14.56
CA LYS A 323 -13.58 -24.92 -13.26
C LYS A 323 -15.02 -25.39 -13.07
N PRO A 324 -15.36 -25.97 -11.92
CA PRO A 324 -16.75 -26.37 -11.70
C PRO A 324 -17.69 -25.18 -11.61
N SER A 325 -18.92 -25.38 -12.09
CA SER A 325 -19.89 -24.30 -12.16
C SER A 325 -20.24 -23.74 -10.78
N SER A 326 -20.09 -24.54 -9.74
CA SER A 326 -20.56 -24.17 -8.40
C SER A 326 -19.51 -23.43 -7.58
N VAL A 327 -18.35 -23.12 -8.14
CA VAL A 327 -17.23 -22.57 -7.40
C VAL A 327 -16.91 -21.18 -7.94
N THR A 328 -16.56 -20.27 -7.03
CA THR A 328 -16.15 -18.93 -7.44
C THR A 328 -14.75 -18.96 -8.04
N VAL A 329 -14.42 -17.87 -8.75
CA VAL A 329 -13.08 -17.76 -9.36
C VAL A 329 -12.01 -17.73 -8.27
N ASP A 330 -12.28 -16.98 -7.20
CA ASP A 330 -11.35 -16.88 -6.08
C ASP A 330 -11.11 -18.26 -5.49
N PHE A 331 -12.18 -18.90 -5.04
CA PHE A 331 -12.09 -20.26 -4.49
C PHE A 331 -11.20 -21.12 -5.36
N TRP A 332 -11.46 -21.10 -6.68
CA TRP A 332 -10.68 -21.90 -7.62
C TRP A 332 -9.20 -21.55 -7.57
N GLU A 333 -8.86 -20.26 -7.49
CA GLU A 333 -7.45 -19.87 -7.41
C GLU A 333 -6.79 -20.45 -6.16
N MET A 334 -7.43 -20.24 -5.01
CA MET A 334 -6.92 -20.81 -3.77
C MET A 334 -6.71 -22.32 -3.90
N THR A 335 -7.64 -23.02 -4.57
CA THR A 335 -7.48 -24.47 -4.69
C THR A 335 -6.36 -24.84 -5.65
N LYS A 336 -6.11 -24.03 -6.68
CA LYS A 336 -4.91 -24.26 -7.49
C LYS A 336 -3.68 -24.30 -6.59
N LEU A 337 -3.49 -23.25 -5.79
CA LEU A 337 -2.30 -23.22 -4.94
C LEU A 337 -2.30 -24.37 -3.94
N GLU A 338 -3.44 -24.64 -3.30
CA GLU A 338 -3.50 -25.69 -2.30
C GLU A 338 -3.18 -27.05 -2.91
N ALA A 339 -3.58 -27.27 -4.16
CA ALA A 339 -3.20 -28.49 -4.85
C ALA A 339 -1.69 -28.56 -5.02
N ILE A 340 -1.09 -27.49 -5.54
CA ILE A 340 0.36 -27.47 -5.73
C ILE A 340 1.05 -27.86 -4.42
N MET A 341 0.61 -27.28 -3.30
CA MET A 341 1.31 -27.55 -2.05
C MET A 341 0.99 -28.92 -1.48
N LYS A 342 -0.20 -29.45 -1.75
CA LYS A 342 -0.52 -30.79 -1.28
C LYS A 342 0.35 -31.83 -1.96
N TYR A 343 0.55 -31.70 -3.27
CA TYR A 343 1.28 -32.73 -3.99
C TYR A 343 2.78 -32.50 -4.04
N LYS A 344 3.23 -31.25 -4.12
CA LYS A 344 4.66 -30.97 -4.15
C LYS A 344 5.23 -30.57 -2.79
N GLU A 345 4.39 -30.05 -1.88
CA GLU A 345 4.81 -29.75 -0.51
C GLU A 345 5.94 -28.72 -0.47
N TYR A 346 5.98 -27.83 -1.46
CA TYR A 346 6.99 -26.77 -1.46
C TYR A 346 6.99 -25.99 -0.15
N ILE A 347 5.80 -25.75 0.42
CA ILE A 347 5.67 -25.00 1.65
C ILE A 347 4.99 -25.92 2.68
N PRO A 348 5.57 -26.14 3.85
CA PRO A 348 4.99 -27.10 4.79
C PRO A 348 3.76 -26.54 5.50
N GLU A 349 2.87 -27.45 5.90
CA GLU A 349 1.70 -27.10 6.69
C GLU A 349 0.82 -26.09 5.97
N TYR A 350 0.77 -26.17 4.65
CA TYR A 350 -0.12 -25.34 3.86
C TYR A 350 -1.51 -25.94 3.81
N THR A 351 -2.52 -25.09 3.97
CA THR A 351 -3.89 -25.57 4.12
C THR A 351 -4.37 -26.28 2.85
N SER A 352 -5.28 -27.25 3.06
CA SER A 352 -5.98 -27.91 1.98
C SER A 352 -7.49 -27.72 2.11
N GLU A 353 -7.90 -26.69 2.85
CA GLU A 353 -9.31 -26.52 3.22
C GLU A 353 -10.21 -26.53 1.99
N HIS A 354 -9.84 -25.77 0.96
CA HIS A 354 -10.70 -25.61 -0.20
C HIS A 354 -10.55 -26.74 -1.22
N PHE A 355 -9.32 -27.17 -1.47
CA PHE A 355 -9.10 -28.33 -2.34
C PHE A 355 -9.90 -29.53 -1.88
N ASP A 356 -9.93 -29.77 -0.56
CA ASP A 356 -10.60 -30.94 -0.02
C ASP A 356 -12.11 -30.91 -0.28
N MET A 357 -12.67 -29.76 -0.61
CA MET A 357 -14.11 -29.65 -0.87
C MET A 357 -14.47 -30.02 -2.31
N LEU A 358 -13.49 -30.30 -3.16
CA LEU A 358 -13.76 -30.62 -4.56
C LEU A 358 -14.21 -32.07 -4.72
N ASP A 359 -14.97 -32.32 -5.79
CA ASP A 359 -15.26 -33.68 -6.20
C ASP A 359 -13.99 -34.52 -6.23
N GLU A 360 -14.16 -35.82 -6.00
CA GLU A 360 -13.02 -36.73 -6.01
C GLU A 360 -12.41 -36.79 -7.41
N GLU A 361 -13.25 -36.67 -8.44
CA GLU A 361 -12.76 -36.72 -9.81
C GLU A 361 -11.91 -35.50 -10.14
N VAL A 362 -12.33 -34.33 -9.67
CA VAL A 362 -11.57 -33.10 -9.91
C VAL A 362 -10.22 -33.17 -9.20
N GLN A 363 -10.24 -33.45 -7.89
CA GLN A 363 -9.00 -33.66 -7.15
C GLN A 363 -8.07 -34.60 -7.91
N SER A 364 -8.62 -35.72 -8.41
CA SER A 364 -7.83 -36.66 -9.18
C SER A 364 -7.20 -35.98 -10.40
N SER A 365 -7.97 -35.14 -11.09
CA SER A 365 -7.41 -34.41 -12.22
C SER A 365 -6.19 -33.59 -11.78
N PHE A 366 -6.32 -32.85 -10.68
CA PHE A 366 -5.18 -32.10 -10.17
C PHE A 366 -3.98 -33.01 -9.93
N GLU A 367 -4.20 -34.13 -9.24
CA GLU A 367 -3.10 -35.05 -8.94
C GLU A 367 -2.42 -35.52 -10.22
N SER A 368 -3.20 -35.83 -11.25
CA SER A 368 -2.60 -36.31 -12.50
C SER A 368 -1.72 -35.24 -13.13
N VAL A 369 -2.29 -34.04 -13.36
CA VAL A 369 -1.51 -32.98 -13.98
C VAL A 369 -0.21 -32.74 -13.20
N LEU A 370 -0.31 -32.66 -11.87
CA LEU A 370 0.88 -32.37 -11.08
C LEU A 370 1.84 -33.54 -11.09
N ALA A 371 1.34 -34.76 -11.23
CA ALA A 371 2.21 -35.93 -11.33
C ALA A 371 3.03 -35.88 -12.60
N SER A 372 2.48 -35.31 -13.68
CA SER A 372 3.26 -35.25 -14.91
C SER A 372 4.43 -34.26 -14.86
N LYS A 373 4.65 -33.57 -13.74
CA LYS A 373 5.64 -32.50 -13.64
C LYS A 373 6.70 -32.87 -12.61
N SER A 374 7.96 -32.60 -12.95
CA SER A 374 9.08 -32.97 -12.08
C SER A 374 9.80 -31.79 -11.44
N ASP A 375 9.84 -30.62 -12.09
CA ASP A 375 10.63 -29.50 -11.61
C ASP A 375 9.75 -28.30 -11.31
N LYS A 376 10.13 -27.53 -10.29
CA LYS A 376 9.37 -26.36 -9.89
C LYS A 376 9.18 -25.38 -11.05
N SER A 377 10.14 -25.33 -11.98
CA SER A 377 10.05 -24.40 -13.10
C SER A 377 8.82 -24.67 -13.96
N GLU A 378 8.28 -25.89 -13.90
CA GLU A 378 7.06 -26.22 -14.63
C GLU A 378 5.80 -25.82 -13.88
N ILE A 379 5.92 -25.46 -12.60
CA ILE A 379 4.77 -25.08 -11.77
C ILE A 379 4.71 -23.56 -11.71
N PHE A 380 5.74 -22.94 -11.14
CA PHE A 380 5.81 -21.50 -11.00
C PHE A 380 6.57 -20.91 -12.19
N SER A 381 6.04 -19.84 -12.76
CA SER A 381 6.73 -19.15 -13.84
C SER A 381 7.72 -18.13 -13.26
N SER A 382 8.61 -17.66 -14.12
CA SER A 382 9.65 -16.70 -13.77
C SER A 382 9.27 -15.31 -14.26
N LEU A 383 9.90 -14.30 -13.66
CA LEU A 383 9.67 -12.92 -14.08
C LEU A 383 10.44 -12.59 -15.36
N GLY A 384 11.69 -13.03 -15.46
CA GLY A 384 12.45 -12.79 -16.67
C GLY A 384 12.75 -11.31 -16.87
N ASP A 385 12.83 -10.91 -18.14
CA ASP A 385 13.18 -9.54 -18.51
C ASP A 385 11.91 -8.71 -18.61
N MET A 386 11.64 -7.92 -17.58
CA MET A 386 10.47 -7.06 -17.54
C MET A 386 10.85 -5.65 -17.97
N GLU A 387 9.87 -4.93 -18.50
CA GLU A 387 10.08 -3.54 -18.90
C GLU A 387 8.81 -2.75 -18.64
N ALA A 388 8.98 -1.43 -18.46
CA ALA A 388 7.88 -0.55 -18.09
C ALA A 388 8.23 0.86 -18.54
N SER A 389 7.23 1.73 -18.50
CA SER A 389 7.40 3.11 -18.90
C SER A 389 8.08 3.92 -17.80
N PRO A 390 8.99 4.83 -18.15
CA PRO A 390 9.52 5.77 -17.14
C PRO A 390 8.44 6.61 -16.47
N LEU A 391 7.23 6.66 -17.01
CA LEU A 391 6.16 7.45 -16.42
C LEU A 391 5.43 6.73 -15.30
N GLU A 392 5.45 5.39 -15.27
CA GLU A 392 4.42 4.64 -14.56
C GLU A 392 4.97 3.86 -13.38
N VAL A 393 4.05 3.56 -12.47
CA VAL A 393 4.18 2.48 -11.50
C VAL A 393 3.03 1.52 -11.74
N LYS A 394 3.34 0.25 -11.93
CA LYS A 394 2.31 -0.76 -12.12
C LYS A 394 1.92 -1.38 -10.79
N ILE A 395 0.65 -1.72 -10.66
CA ILE A 395 0.09 -2.15 -9.38
C ILE A 395 -0.79 -3.38 -9.59
N ALA A 396 -0.77 -4.29 -8.63
CA ALA A 396 -1.59 -5.48 -8.70
C ALA A 396 -3.06 -5.11 -8.54
N PHE A 397 -3.93 -6.10 -8.75
CA PHE A 397 -5.36 -5.88 -8.61
C PHE A 397 -6.05 -7.19 -8.26
N ASN A 398 -7.20 -7.06 -7.60
CA ASN A 398 -8.04 -8.20 -7.26
C ASN A 398 -9.49 -7.79 -7.46
N SER A 399 -10.41 -8.68 -7.10
CA SER A 399 -11.84 -8.39 -7.26
C SER A 399 -12.19 -7.04 -6.68
N LYS A 400 -11.57 -6.67 -5.56
CA LYS A 400 -11.86 -5.42 -4.87
C LYS A 400 -11.34 -4.15 -5.54
N GLY A 401 -10.34 -4.28 -6.40
CA GLY A 401 -9.76 -3.14 -7.08
C GLY A 401 -8.24 -3.25 -7.09
N ILE A 402 -7.57 -2.15 -7.40
CA ILE A 402 -6.11 -2.15 -7.37
C ILE A 402 -5.65 -2.33 -5.93
N ILE A 403 -4.45 -2.89 -5.77
CA ILE A 403 -3.95 -3.23 -4.45
C ILE A 403 -2.43 -3.25 -4.51
N ASN A 404 -1.78 -2.55 -3.59
CA ASN A 404 -0.34 -2.34 -3.65
C ASN A 404 0.46 -3.44 -2.98
N GLN A 405 -0.14 -4.63 -2.82
CA GLN A 405 0.62 -5.80 -2.37
C GLN A 405 1.63 -6.24 -3.42
N GLY A 406 1.51 -5.76 -4.65
CA GLY A 406 2.51 -5.97 -5.68
C GLY A 406 2.71 -4.71 -6.49
N LEU A 407 3.97 -4.33 -6.75
CA LEU A 407 4.25 -3.11 -7.50
C LEU A 407 5.46 -3.32 -8.39
N ILE A 408 5.48 -2.66 -9.55
CA ILE A 408 6.62 -2.71 -10.45
C ILE A 408 6.91 -1.29 -10.90
N SER A 409 8.20 -0.93 -10.94
CA SER A 409 8.57 0.40 -11.37
C SER A 409 10.04 0.44 -11.75
N VAL A 410 10.37 1.20 -12.80
CA VAL A 410 11.76 1.54 -13.03
C VAL A 410 12.17 2.62 -12.03
N LYS A 411 13.48 2.69 -11.78
CA LYS A 411 14.02 3.66 -10.84
C LYS A 411 13.53 5.06 -11.18
N ASP A 412 13.02 5.76 -10.16
CA ASP A 412 12.63 7.17 -10.27
C ASP A 412 11.60 7.42 -11.36
N SER A 413 10.66 6.49 -11.50
CA SER A 413 9.55 6.74 -12.42
C SER A 413 8.76 7.97 -11.98
N TYR A 414 8.10 8.61 -12.95
CA TYR A 414 7.36 9.83 -12.66
C TYR A 414 6.23 9.55 -11.67
N CYS A 415 5.54 8.41 -11.83
CA CYS A 415 4.44 8.08 -10.95
C CYS A 415 4.91 7.78 -9.54
N SER A 416 6.13 7.27 -9.37
CA SER A 416 6.61 7.02 -8.01
C SER A 416 6.74 8.32 -7.24
N ASN A 417 7.20 9.37 -7.93
CA ASN A 417 7.24 10.70 -7.32
C ASN A 417 5.84 11.24 -7.06
N LEU A 418 4.93 11.07 -8.01
CA LEU A 418 3.55 11.51 -7.78
C LEU A 418 2.94 10.81 -6.56
N ILE A 419 3.28 9.53 -6.35
CA ILE A 419 2.71 8.78 -5.24
C ILE A 419 3.31 9.26 -3.92
N VAL A 420 4.64 9.40 -3.87
CA VAL A 420 5.26 9.96 -2.67
C VAL A 420 4.57 11.27 -2.29
N LYS A 421 4.37 12.15 -3.28
CA LYS A 421 3.73 13.43 -2.99
C LYS A 421 2.30 13.24 -2.48
N GLN A 422 1.54 12.35 -3.11
CA GLN A 422 0.18 12.08 -2.63
C GLN A 422 0.19 11.70 -1.16
N ILE A 423 1.03 10.73 -0.79
CA ILE A 423 1.09 10.30 0.61
C ILE A 423 1.44 11.47 1.51
N GLU A 424 2.42 12.28 1.11
CA GLU A 424 2.86 13.39 1.96
C GLU A 424 1.71 14.38 2.20
N ASN A 425 0.98 14.74 1.13
CA ASN A 425 -0.14 15.66 1.29
C ASN A 425 -1.23 15.06 2.20
N ARG A 426 -1.53 13.77 2.01
CA ARG A 426 -2.56 13.13 2.81
C ARG A 426 -2.18 13.13 4.29
N TYR A 427 -0.91 12.89 4.60
CA TYR A 427 -0.48 12.96 5.99
C TYR A 427 -0.47 14.40 6.51
N LYS A 428 -0.24 15.38 5.64
CA LYS A 428 -0.34 16.78 6.09
C LYS A 428 -1.76 17.10 6.52
N ILE A 429 -2.74 16.77 5.68
CA ILE A 429 -4.14 16.97 6.06
C ILE A 429 -4.44 16.25 7.36
N LEU A 430 -3.99 14.99 7.48
CA LEU A 430 -4.26 14.23 8.70
C LEU A 430 -3.71 14.96 9.93
N ASN A 431 -2.41 15.27 9.91
CA ASN A 431 -1.75 15.76 11.11
C ASN A 431 -2.15 17.18 11.49
N ASN A 432 -2.56 18.00 10.52
CA ASN A 432 -3.00 19.35 10.84
CA ASN A 432 -3.00 19.35 10.85
C ASN A 432 -4.20 19.35 11.77
N SER A 433 -5.04 18.31 11.70
CA SER A 433 -6.18 18.16 12.59
C SER A 433 -5.89 17.24 13.77
N LEU A 434 -5.08 16.19 13.57
CA LEU A 434 -4.83 15.25 14.64
C LEU A 434 -3.95 15.86 15.73
N ASN A 435 -2.88 16.53 15.35
CA ASN A 435 -1.90 16.95 16.36
C ASN A 435 -2.48 17.94 17.35
N PRO A 436 -3.19 18.99 16.95
CA PRO A 436 -3.83 19.85 17.96
C PRO A 436 -4.77 19.09 18.88
N ALA A 437 -5.65 18.27 18.31
CA ALA A 437 -6.55 17.46 19.13
C ALA A 437 -5.80 16.71 20.20
N ILE A 438 -4.67 16.10 19.82
CA ILE A 438 -3.93 15.25 20.76
C ILE A 438 -3.25 16.09 21.83
N SER A 439 -2.67 17.22 21.45
CA SER A 439 -1.95 18.00 22.45
C SER A 439 -2.87 18.59 23.52
N GLU A 440 -4.18 18.53 23.34
CA GLU A 440 -5.11 18.63 24.47
C GLU A 440 -5.09 17.29 25.19
N ASP A 441 -4.71 17.28 26.46
CA ASP A 441 -4.35 16.05 27.17
C ASP A 441 -5.65 15.41 27.67
N ASN A 442 -6.51 15.03 26.74
CA ASN A 442 -7.81 14.46 27.05
C ASN A 442 -7.85 12.97 26.70
N ASP A 443 -8.94 12.33 27.11
CA ASP A 443 -9.07 10.88 26.97
C ASP A 443 -9.49 10.52 25.55
N PHE A 444 -9.76 9.23 25.32
CA PHE A 444 -9.96 8.74 23.96
C PHE A 444 -11.21 9.35 23.31
N ASN A 445 -12.34 9.35 24.02
CA ASN A 445 -13.58 9.84 23.41
C ASN A 445 -13.53 11.34 23.15
N THR A 446 -12.97 12.11 24.09
CA THR A 446 -12.86 13.55 23.90
C THR A 446 -11.90 13.88 22.75
N THR A 447 -10.73 13.25 22.73
CA THR A 447 -9.79 13.44 21.64
C THR A 447 -10.44 13.09 20.30
N THR A 448 -11.10 11.92 20.26
CA THR A 448 -11.81 11.50 19.06
C THR A 448 -12.79 12.58 18.60
N ASN A 449 -13.58 13.12 19.51
CA ASN A 449 -14.58 14.11 19.11
C ASN A 449 -13.94 15.38 18.59
N THR A 450 -12.89 15.86 19.26
CA THR A 450 -12.18 17.04 18.77
C THR A 450 -11.65 16.80 17.36
N PHE A 451 -10.94 15.68 17.17
CA PHE A 451 -10.33 15.36 15.88
C PHE A 451 -11.37 15.26 14.77
N ILE A 452 -12.47 14.53 15.04
CA ILE A 452 -13.54 14.42 14.04
C ILE A 452 -14.11 15.80 13.72
N ASP A 453 -14.34 16.62 14.74
CA ASP A 453 -14.88 17.95 14.50
C ASP A 453 -13.96 18.73 13.55
N SER A 454 -12.66 18.69 13.80
CA SER A 454 -11.72 19.41 12.94
C SER A 454 -11.77 18.87 11.51
N ILE A 455 -11.78 17.54 11.35
CA ILE A 455 -11.81 16.95 10.01
CA ILE A 455 -11.81 16.95 10.01
C ILE A 455 -13.08 17.39 9.27
N MET A 456 -14.23 17.30 9.96
CA MET A 456 -15.49 17.70 9.32
C MET A 456 -15.46 19.16 8.91
N ALA A 457 -14.88 20.02 9.75
CA ALA A 457 -14.83 21.44 9.39
C ALA A 457 -14.03 21.67 8.11
N GLU A 458 -13.08 20.80 7.79
CA GLU A 458 -12.27 20.92 6.57
C GLU A 458 -12.80 20.09 5.41
N ALA A 459 -13.85 19.30 5.61
CA ALA A 459 -14.37 18.43 4.58
C ALA A 459 -15.19 19.21 3.57
N ASN A 460 -15.23 18.71 2.33
CA ASN A 460 -15.90 19.42 1.24
C ASN A 460 -16.15 18.42 0.12
N ALA A 461 -16.59 18.93 -1.03
CA ALA A 461 -17.01 18.09 -2.14
C ALA A 461 -15.85 17.30 -2.72
N ASP A 462 -14.62 17.84 -2.64
CA ASP A 462 -13.49 17.25 -3.31
C ASP A 462 -12.72 16.25 -2.44
N ASN A 463 -13.10 16.06 -1.18
CA ASN A 463 -12.33 15.22 -0.27
C ASN A 463 -13.19 14.40 0.70
N GLY A 464 -14.51 14.32 0.48
CA GLY A 464 -15.38 13.80 1.52
C GLY A 464 -15.02 12.39 1.93
N ARG A 465 -14.97 11.47 0.97
CA ARG A 465 -14.66 10.07 1.26
C ARG A 465 -13.38 9.96 2.08
N PHE A 466 -12.31 10.60 1.58
CA PHE A 466 -11.02 10.55 2.25
C PHE A 466 -11.11 11.01 3.69
N MET A 467 -11.76 12.15 3.93
CA MET A 467 -11.83 12.70 5.28
C MET A 467 -12.66 11.81 6.20
N MET A 468 -13.80 11.32 5.70
CA MET A 468 -14.57 10.35 6.46
C MET A 468 -13.71 9.20 6.93
N GLU A 469 -12.82 8.70 6.06
CA GLU A 469 -11.96 7.60 6.49
C GLU A 469 -10.86 8.08 7.43
N LEU A 470 -10.42 9.33 7.30
CA LEU A 470 -9.44 9.86 8.25
C LEU A 470 -10.01 9.91 9.66
N GLY A 471 -11.32 10.10 9.80
CA GLY A 471 -11.91 10.20 11.12
C GLY A 471 -11.71 8.99 12.02
N LYS A 472 -11.28 7.85 11.48
CA LYS A 472 -11.14 6.61 12.24
C LYS A 472 -9.69 6.31 12.62
N TYR A 473 -8.78 7.25 12.38
CA TYR A 473 -7.35 6.93 12.38
C TYR A 473 -6.87 6.40 13.72
N LEU A 474 -7.35 6.98 14.83
CA LEU A 474 -6.87 6.58 16.15
C LEU A 474 -7.16 5.12 16.47
N ARG A 475 -8.05 4.46 15.72
CA ARG A 475 -8.47 3.10 16.02
C ARG A 475 -7.77 2.04 15.18
N VAL A 476 -6.90 2.44 14.23
CA VAL A 476 -6.33 1.47 13.31
C VAL A 476 -5.56 0.41 14.07
N GLY A 477 -5.84 -0.86 13.75
CA GLY A 477 -5.18 -1.98 14.37
C GLY A 477 -5.81 -2.47 15.67
N PHE A 478 -6.70 -1.68 16.27
CA PHE A 478 -7.27 -2.00 17.57
C PHE A 478 -8.77 -2.26 17.56
N PHE A 479 -9.45 -2.08 16.43
CA PHE A 479 -10.89 -2.14 16.38
C PHE A 479 -11.31 -2.75 15.05
N PRO A 480 -12.38 -3.54 15.00
CA PRO A 480 -12.73 -4.21 13.74
C PRO A 480 -13.15 -3.22 12.65
N ASP A 481 -12.79 -3.57 11.41
CA ASP A 481 -13.25 -2.85 10.22
C ASP A 481 -12.78 -1.39 10.20
N VAL A 482 -11.51 -1.17 10.55
CA VAL A 482 -10.90 0.15 10.45
C VAL A 482 -9.81 0.06 9.39
N LYS A 483 -10.02 0.75 8.27
CA LYS A 483 -9.22 0.57 7.06
C LYS A 483 -8.60 1.89 6.59
N THR A 484 -8.35 2.81 7.51
CA THR A 484 -7.89 4.15 7.12
C THR A 484 -6.60 4.10 6.32
N THR A 485 -5.71 3.16 6.62
CA THR A 485 -4.44 3.06 5.91
C THR A 485 -4.64 3.08 4.40
N ILE A 486 -5.66 2.38 3.90
CA ILE A 486 -5.92 2.31 2.47
CA ILE A 486 -5.91 2.30 2.47
C ILE A 486 -5.95 3.71 1.87
N ASN A 487 -6.62 4.64 2.53
CA ASN A 487 -6.80 5.98 1.97
C ASN A 487 -5.62 6.90 2.21
N LEU A 488 -4.69 6.52 3.08
CA LEU A 488 -3.62 7.39 3.53
C LEU A 488 -2.30 7.06 2.87
N SER A 489 -1.93 5.78 2.87
CA SER A 489 -0.68 5.32 2.29
C SER A 489 -0.89 4.14 1.33
N GLY A 490 -2.12 3.70 1.14
CA GLY A 490 -2.40 2.54 0.32
C GLY A 490 -2.96 2.89 -1.04
N PRO A 491 -3.78 1.98 -1.60
CA PRO A 491 -4.17 2.10 -3.01
C PRO A 491 -4.79 3.44 -3.41
N GLU A 492 -5.56 4.08 -2.54
CA GLU A 492 -6.23 5.32 -2.95
C GLU A 492 -5.22 6.38 -3.36
N ALA A 493 -4.04 6.38 -2.73
CA ALA A 493 -2.99 7.31 -3.13
C ALA A 493 -2.44 6.97 -4.51
N TYR A 494 -2.40 5.68 -4.85
CA TYR A 494 -1.97 5.27 -6.18
C TYR A 494 -2.97 5.70 -7.24
N ALA A 495 -4.24 5.37 -7.03
CA ALA A 495 -5.30 5.84 -7.93
C ALA A 495 -5.24 7.35 -8.10
N ALA A 496 -5.07 8.08 -6.99
CA ALA A 496 -4.97 9.54 -7.06
C ALA A 496 -3.76 9.96 -7.89
N ALA A 497 -2.66 9.23 -7.77
CA ALA A 497 -1.47 9.57 -8.55
C ALA A 497 -1.69 9.34 -10.04
N TYR A 498 -2.33 8.23 -10.40
CA TYR A 498 -2.64 7.99 -11.81
C TYR A 498 -3.54 9.08 -12.35
N GLN A 499 -4.55 9.48 -11.58
CA GLN A 499 -5.42 10.58 -12.02
C GLN A 499 -4.62 11.86 -12.20
N ASP A 500 -3.73 12.17 -11.25
CA ASP A 500 -2.82 13.29 -11.42
C ASP A 500 -2.11 13.20 -12.76
N LEU A 501 -1.58 12.02 -13.09
CA LEU A 501 -0.87 11.86 -14.36
C LEU A 501 -1.77 12.17 -15.54
N LEU A 502 -2.98 11.60 -15.56
CA LEU A 502 -3.86 11.76 -16.71
C LEU A 502 -4.55 13.12 -16.74
N MET A 503 -4.59 13.83 -15.61
CA MET A 503 -5.16 15.17 -15.57
C MET A 503 -4.09 16.26 -15.63
N PHE A 504 -2.82 15.89 -15.82
CA PHE A 504 -1.75 16.85 -15.97
CA PHE A 504 -1.69 16.78 -15.96
C PHE A 504 -1.67 17.81 -14.78
N LYS A 505 -1.80 17.26 -13.59
CA LYS A 505 -1.80 18.03 -12.38
C LYS A 505 -1.23 17.25 -11.20
N GLU A 506 -1.29 17.80 -10.02
CA GLU A 506 -0.86 17.12 -8.80
C GLU A 506 -1.83 17.49 -7.69
N GLY A 507 -2.13 16.52 -6.83
CA GLY A 507 -2.94 16.76 -5.66
C GLY A 507 -4.40 16.35 -5.76
N SER A 508 -4.76 15.48 -6.71
CA SER A 508 -6.13 14.98 -6.77
C SER A 508 -6.54 14.37 -5.44
N MET A 509 -7.74 14.72 -4.98
CA MET A 509 -8.32 14.15 -3.78
C MET A 509 -9.63 13.42 -4.02
N ASN A 510 -10.23 13.58 -5.20
CA ASN A 510 -11.51 12.97 -5.55
C ASN A 510 -11.31 12.15 -6.81
N ILE A 511 -11.28 10.83 -6.66
CA ILE A 511 -10.95 9.93 -7.76
C ILE A 511 -12.20 9.69 -8.60
N HIS A 512 -12.11 10.01 -9.89
CA HIS A 512 -13.21 9.78 -10.83
C HIS A 512 -12.85 8.76 -11.90
N LEU A 513 -11.66 8.19 -11.86
CA LEU A 513 -11.29 7.16 -12.82
C LEU A 513 -12.21 5.96 -12.72
N ILE A 514 -12.42 5.29 -13.86
CA ILE A 514 -13.16 4.03 -13.90
C ILE A 514 -12.15 2.91 -14.09
N GLU A 515 -12.57 1.69 -13.75
CA GLU A 515 -11.67 0.55 -13.75
C GLU A 515 -10.89 0.44 -15.06
N ALA A 516 -11.57 0.72 -16.18
CA ALA A 516 -10.89 0.72 -17.48
C ALA A 516 -9.67 1.62 -17.46
N ASP A 517 -9.80 2.81 -16.87
CA ASP A 517 -8.66 3.72 -16.77
C ASP A 517 -7.48 3.04 -16.08
N LEU A 518 -7.74 2.40 -14.95
CA LEU A 518 -6.67 1.79 -14.18
C LEU A 518 -6.05 0.60 -14.91
N ARG A 519 -6.82 -0.09 -15.76
CA ARG A 519 -6.29 -1.28 -16.41
C ARG A 519 -4.98 -1.00 -17.13
N ASN A 520 -4.77 0.24 -17.58
CA ASN A 520 -3.50 0.59 -18.21
C ASN A 520 -2.31 0.43 -17.26
N PHE A 521 -2.54 0.48 -15.95
CA PHE A 521 -1.48 0.48 -14.97
C PHE A 521 -1.39 -0.81 -14.17
N GLU A 522 -2.07 -1.86 -14.59
CA GLU A 522 -2.19 -3.06 -13.78
C GLU A 522 -1.14 -4.10 -14.16
N ILE A 523 -0.70 -4.86 -13.16
CA ILE A 523 0.23 -5.96 -13.36
C ILE A 523 -0.54 -7.16 -13.89
N SER A 524 0.05 -7.84 -14.87
CA SER A 524 -0.54 -9.07 -15.39
C SER A 524 -0.74 -10.09 -14.27
N LYS A 525 -1.88 -10.71 -14.29
CA LYS A 525 -2.21 -11.66 -13.29
C LYS A 525 -1.21 -12.80 -13.29
N THR A 526 -0.65 -13.16 -14.41
CA THR A 526 0.31 -14.25 -14.52
C THR A 526 1.58 -14.01 -13.72
N ASN A 527 1.81 -12.78 -13.25
CA ASN A 527 3.07 -12.46 -12.57
C ASN A 527 3.00 -12.60 -11.06
N ILE A 528 1.83 -12.81 -10.47
CA ILE A 528 1.72 -13.01 -9.03
C ILE A 528 0.55 -13.95 -8.76
N SER A 529 0.70 -14.76 -7.71
CA SER A 529 -0.39 -15.57 -7.15
C SER A 529 -0.78 -14.91 -5.83
N GLN A 530 -1.91 -14.20 -5.85
CA GLN A 530 -2.34 -13.41 -4.70
C GLN A 530 -3.26 -14.18 -3.76
N SER A 531 -3.94 -15.22 -4.26
CA SER A 531 -4.90 -15.97 -3.45
C SER A 531 -4.10 -17.03 -2.69
N THR A 532 -3.24 -16.55 -1.81
CA THR A 532 -2.46 -17.41 -0.93
C THR A 532 -3.15 -17.57 0.42
N GLU A 533 -2.72 -18.59 1.17
CA GLU A 533 -3.25 -18.78 2.51
C GLU A 533 -3.02 -17.56 3.39
N GLN A 534 -1.80 -17.04 3.38
CA GLN A 534 -1.44 -15.92 4.24
C GLN A 534 -2.22 -14.65 3.94
N GLU A 535 -2.53 -14.43 2.67
CA GLU A 535 -3.33 -13.26 2.30
C GLU A 535 -4.58 -13.15 3.18
N MET A 536 -5.36 -14.24 3.23
CA MET A 536 -6.60 -14.30 4.01
C MET A 536 -6.59 -13.66 5.41
N ALA A 537 -5.45 -13.67 6.10
CA ALA A 537 -5.42 -13.09 7.44
C ALA A 537 -4.62 -11.80 7.40
N SER A 538 -5.24 -10.70 7.76
CA SER A 538 -4.60 -9.39 7.71
C SER A 538 -3.82 -9.14 8.98
N LEU A 539 -2.68 -8.45 8.84
CA LEU A 539 -1.79 -8.16 9.97
C LEU A 539 -2.07 -6.83 10.63
N TRP A 540 -2.76 -5.92 9.95
CA TRP A 540 -3.08 -4.60 10.47
C TRP A 540 -4.57 -4.35 10.65
N SER A 541 -5.43 -5.28 10.22
CA SER A 541 -6.87 -5.10 10.26
C SER A 541 -7.52 -6.44 10.61
N PHE A 542 -8.77 -6.38 11.03
CA PHE A 542 -9.55 -7.60 11.27
C PHE A 542 -11.03 -7.26 11.18
N ASP A 543 -11.81 -8.23 10.69
CA ASP A 543 -13.24 -8.04 10.46
C ASP A 543 -14.04 -8.51 11.67
N ASP A 544 -15.37 -8.42 11.55
CA ASP A 544 -16.22 -8.63 12.71
C ASP A 544 -16.19 -10.06 13.21
N ALA A 545 -16.18 -11.05 12.29
CA ALA A 545 -16.17 -12.44 12.72
C ALA A 545 -14.90 -12.76 13.51
N ARG A 546 -13.79 -12.28 12.99
CA ARG A 546 -12.56 -12.47 13.64
C ARG A 546 -12.57 -11.79 14.99
N ALA A 547 -13.10 -10.60 15.11
CA ALA A 547 -13.23 -9.87 16.36
C ALA A 547 -14.06 -10.66 17.37
N LYS A 548 -15.14 -11.30 16.91
CA LYS A 548 -16.00 -12.07 17.79
C LYS A 548 -15.28 -13.29 18.32
N ALA A 549 -14.65 -14.06 17.43
CA ALA A 549 -13.85 -15.20 17.86
C ALA A 549 -12.81 -14.78 18.90
N GLN A 550 -12.07 -13.71 18.60
CA GLN A 550 -11.08 -13.19 19.54
C GLN A 550 -11.70 -12.90 20.90
N PHE A 551 -12.85 -12.22 20.90
CA PHE A 551 -13.51 -11.90 22.17
C PHE A 551 -13.80 -13.17 22.96
N GLU A 552 -14.40 -14.17 22.31
CA GLU A 552 -14.77 -15.39 23.01
C GLU A 552 -13.54 -16.11 23.56
N GLU A 553 -12.48 -16.22 22.75
CA GLU A 553 -11.25 -16.85 23.23
C GLU A 553 -10.65 -16.09 24.40
N TYR A 554 -10.63 -14.75 24.32
CA TYR A 554 -10.09 -13.97 25.43
C TYR A 554 -10.86 -14.23 26.71
N LYS A 555 -12.19 -14.30 26.63
CA LYS A 555 -12.97 -14.63 27.82
C LYS A 555 -12.54 -15.98 28.39
N ARG A 556 -12.40 -16.99 27.52
CA ARG A 556 -11.97 -18.30 28.01
C ARG A 556 -10.59 -18.23 28.67
N ASN A 557 -9.64 -17.52 28.06
CA ASN A 557 -8.30 -17.44 28.63
C ASN A 557 -8.31 -16.73 29.98
N TYR A 558 -9.13 -15.69 30.11
CA TYR A 558 -9.21 -14.96 31.37
C TYR A 558 -9.81 -15.84 32.46
N PHE A 559 -10.90 -16.55 32.14
CA PHE A 559 -11.47 -17.51 33.08
C PHE A 559 -10.41 -18.44 33.63
N GLU A 560 -9.63 -19.06 32.73
CA GLU A 560 -8.61 -20.02 33.10
C GLU A 560 -7.30 -19.37 33.53
N GLY A 561 -7.27 -18.06 33.75
CA GLY A 561 -6.06 -17.39 34.19
C GLY A 561 -5.22 -16.86 33.04
N SER A 562 -4.65 -17.78 32.26
CA SER A 562 -3.81 -17.42 31.11
C SER A 562 -4.30 -16.20 30.36
MN MN B . -1.93 -9.36 2.56
C1 U2F C . -3.46 -4.24 2.36
O1 U2F C . -3.50 -5.06 3.53
PB U2F C . -3.12 -6.58 3.76
O1B U2F C . -3.93 -7.22 4.61
O2B U2F C . -3.09 -7.23 2.59
O3A U2F C . -1.74 -6.56 4.55
PA U2F C . -0.79 -7.81 4.77
O1A U2F C . -1.09 -8.63 3.76
O2A U2F C . -1.17 -8.13 6.02
O5' U2F C . 0.56 -7.11 5.33
C5' U2F C . 1.22 -6.01 4.75
C4' U2F C . 2.59 -5.76 5.01
O4' U2F C . 2.89 -5.11 6.31
C1' U2F C . 4.11 -5.39 6.64
C2' U2F C . 4.64 -6.47 5.60
C3' U2F C . 3.53 -7.00 5.11
O3' U2F C . 3.74 -7.58 3.83
O2' U2F C . 5.46 -5.66 4.76
N1 U2F C . 4.23 -5.80 7.95
C6' U2F C . 5.46 -5.67 8.59
O6' U2F C . 6.36 -5.29 8.05
N3 U2F C . 5.61 -6.05 9.96
C7' U2F C . 4.52 -6.54 10.70
O7' U2F C . 4.63 -6.78 11.76
C8' U2F C . 3.23 -6.64 10.06
C9' U2F C . 3.14 -6.29 8.68
C2 U2F C . -2.27 -4.22 1.37
F1 U2F C . -2.38 -5.37 0.58
C3 U2F C . -0.99 -3.94 2.12
O3 U2F C . 0.16 -4.08 1.27
C4 U2F C . -1.02 -2.54 2.69
O4 U2F C . -0.09 -2.29 3.72
C5 U2F C . -2.32 -2.25 3.33
C6 U2F C . -2.29 -0.82 3.38
O6 U2F C . -2.49 -0.31 2.11
O5 U2F C . -3.47 -2.71 2.52
H1 U2F C . -4.24 -4.46 1.84
H5'1 U2F C . 1.13 -6.09 3.78
H5'2 U2F C . 0.73 -5.21 5.02
H4' U2F C . 2.94 -5.19 4.30
H1' U2F C . 4.64 -4.59 6.52
H2' U2F C . 5.17 -7.15 6.06
H3' U2F C . 3.17 -7.65 5.74
HB U2F C . 4.05 -6.99 3.30
HA U2F C . 6.12 -5.37 5.20
H3 U2F C . 6.37 -5.97 10.34
H8' U2F C . 2.50 -6.96 10.53
H9' U2F C . 2.31 -6.35 8.27
H2 U2F C . -2.42 -3.46 0.79
HC U2F C . -0.92 -4.57 2.86
HD U2F C . 0.86 -3.91 1.72
H4 U2F C . -0.86 -1.92 1.96
HE U2F C . -0.50 -2.22 4.47
H5 U2F C . -2.35 -2.63 4.21
H6C1 U2F C . -1.42 -0.53 3.72
H6C2 U2F C . -2.99 -0.51 3.97
H6 U2F C . -3.32 -0.25 1.95
S SO4 D . -9.30 -10.37 8.10
O1 SO4 D . -9.22 -11.80 8.46
O2 SO4 D . -10.72 -9.93 8.11
O3 SO4 D . -8.53 -9.56 9.08
O4 SO4 D . -8.73 -10.17 6.74
S SO4 E . -6.13 -14.15 15.41
O1 SO4 E . -6.07 -15.63 15.79
O2 SO4 E . -7.59 -13.74 15.43
O3 SO4 E . -5.52 -13.46 16.50
O4 SO4 E . -5.73 -14.09 14.05
#